data_3P2A
#
_entry.id   3P2A
#
_cell.length_a   53.970
_cell.length_b   75.582
_cell.length_c   81.512
_cell.angle_alpha   90.00
_cell.angle_beta   90.85
_cell.angle_gamma   90.00
#
_symmetry.space_group_name_H-M   'P 1 21 1'
#
loop_
_entity.id
_entity.type
_entity.pdbx_description
1 polymer 'Putative thioredoxin-like protein'
2 non-polymer 'ZINC ION'
3 non-polymer 'FORMIC ACID'
4 water water
#
_entity_poly.entity_id   1
_entity_poly.type   'polypeptide(L)'
_entity_poly.pdbx_seq_one_letter_code
;SNA(MSE)NTVCTAC(MSE)ATNRLPEERIDDGAKCGRCGHSLFDGEVINATAETLDKLLQDDLP(MSE)VIDFWAPWCG
PCRSFAPIFAETAAERAGKVRFVKVNTEAEPALSTRFRIRSIPTI(MSE)LYRNGK(MSE)ID(MSE)LNGAVPKAPFDN
WLDEQLSRDPNS
;
_entity_poly.pdbx_strand_id   A,B,C,D
#
loop_
_chem_comp.id
_chem_comp.type
_chem_comp.name
_chem_comp.formula
FMT non-polymer 'FORMIC ACID' 'C H2 O2'
ZN non-polymer 'ZINC ION' 'Zn 2'
#
# COMPACT_ATOMS: atom_id res chain seq x y z
N ASN A 2 -13.15 23.22 -4.21
CA ASN A 2 -11.87 22.57 -4.45
C ASN A 2 -11.36 22.55 -5.89
N ALA A 3 -10.05 22.55 -6.06
CA ALA A 3 -9.42 22.60 -7.38
C ALA A 3 -8.94 21.23 -7.89
N MSE A 4 -8.83 21.11 -9.21
CA MSE A 4 -8.19 19.96 -9.83
C MSE A 4 -7.37 20.36 -11.07
O MSE A 4 -7.53 21.47 -11.60
CB MSE A 4 -9.22 18.86 -10.15
CG MSE A 4 -10.37 19.31 -11.05
SE MSE A 4 -9.98 19.19 -13.00
CE MSE A 4 -10.15 17.24 -13.17
N ASN A 5 -6.47 19.49 -11.51
CA ASN A 5 -5.65 19.74 -12.69
C ASN A 5 -6.05 18.80 -13.81
N THR A 6 -6.11 19.38 -15.01
CA THR A 6 -6.33 18.62 -16.21
C THR A 6 -5.34 19.06 -17.28
N VAL A 7 -5.13 18.20 -18.28
CA VAL A 7 -4.06 18.41 -19.25
C VAL A 7 -4.66 18.72 -20.61
N CYS A 8 -4.15 19.78 -21.27
CA CYS A 8 -4.66 20.15 -22.58
C CYS A 8 -4.18 19.11 -23.58
N THR A 9 -5.11 18.39 -24.19
CA THR A 9 -4.71 17.25 -25.04
C THR A 9 -4.05 17.71 -26.34
N ALA A 10 -4.14 19.01 -26.60
CA ALA A 10 -3.53 19.59 -27.79
C ALA A 10 -2.11 20.13 -27.52
N CYS A 11 -1.93 21.02 -26.54
CA CYS A 11 -0.62 21.59 -26.26
C CYS A 11 0.06 21.06 -24.99
N MSE A 12 -0.61 20.16 -24.26
CA MSE A 12 -0.11 19.52 -23.02
C MSE A 12 -0.04 20.43 -21.79
O MSE A 12 0.48 20.05 -20.74
CB MSE A 12 1.28 18.93 -23.24
CG MSE A 12 1.35 17.86 -24.29
SE MSE A 12 0.41 16.27 -23.70
CE MSE A 12 -0.91 16.20 -25.11
N ALA A 13 -0.54 21.66 -21.91
CA ALA A 13 -0.48 22.55 -20.78
C ALA A 13 -1.35 22.08 -19.64
N THR A 14 -0.87 22.25 -18.42
CA THR A 14 -1.73 21.96 -17.28
C THR A 14 -2.72 23.11 -17.06
N ASN A 15 -4.00 22.77 -16.90
CA ASN A 15 -5.07 23.74 -16.66
C ASN A 15 -5.75 23.44 -15.36
N ARG A 16 -5.81 24.45 -14.47
CA ARG A 16 -6.44 24.28 -13.17
C ARG A 16 -7.91 24.65 -13.27
N LEU A 17 -8.78 23.77 -12.78
CA LEU A 17 -10.24 23.91 -12.94
C LEU A 17 -10.94 23.55 -11.63
N PRO A 18 -12.19 24.01 -11.45
CA PRO A 18 -12.94 23.61 -10.27
C PRO A 18 -13.33 22.15 -10.38
N GLU A 19 -13.30 21.38 -9.29
CA GLU A 19 -13.73 19.99 -9.35
C GLU A 19 -15.16 19.96 -9.85
N GLU A 20 -15.99 20.87 -9.33
CA GLU A 20 -17.38 20.95 -9.76
C GLU A 20 -17.63 22.06 -10.76
N ARG A 21 -17.78 21.66 -12.02
CA ARG A 21 -17.86 22.58 -13.14
C ARG A 21 -19.27 23.01 -13.48
N ILE A 22 -19.38 24.26 -13.92
CA ILE A 22 -20.64 24.82 -14.41
C ILE A 22 -21.07 24.27 -15.76
N ASP A 23 -20.09 24.05 -16.64
CA ASP A 23 -20.28 23.33 -17.91
C ASP A 23 -18.96 22.71 -18.36
N ASP A 24 -18.95 22.17 -19.59
CA ASP A 24 -17.72 21.62 -20.16
C ASP A 24 -17.11 22.45 -21.30
N GLY A 25 -17.29 23.78 -21.24
CA GLY A 25 -16.82 24.63 -22.32
C GLY A 25 -15.44 25.20 -22.07
N ALA A 26 -14.82 24.79 -20.97
CA ALA A 26 -13.53 25.36 -20.59
C ALA A 26 -12.49 25.20 -21.72
N LYS A 27 -11.65 26.22 -21.89
CA LYS A 27 -10.69 26.26 -22.98
C LYS A 27 -9.29 26.28 -22.40
N CYS A 28 -8.31 25.70 -23.09
CA CYS A 28 -6.94 25.78 -22.60
C CYS A 28 -6.44 27.23 -22.45
N GLY A 29 -5.86 27.55 -21.31
CA GLY A 29 -5.36 28.91 -21.06
C GLY A 29 -4.14 29.29 -21.89
N ARG A 30 -3.42 28.30 -22.42
CA ARG A 30 -2.26 28.57 -23.26
C ARG A 30 -2.71 28.61 -24.74
N CYS A 31 -3.62 27.74 -25.13
CA CYS A 31 -3.81 27.61 -26.59
C CYS A 31 -5.23 27.72 -27.11
N GLY A 32 -6.21 27.82 -26.20
CA GLY A 32 -7.61 28.00 -26.60
C GLY A 32 -8.38 26.74 -26.90
N HIS A 33 -7.68 25.61 -26.84
CA HIS A 33 -8.28 24.29 -27.14
C HIS A 33 -9.36 23.87 -26.14
N SER A 34 -10.48 23.35 -26.65
CA SER A 34 -11.52 22.84 -25.77
C SER A 34 -10.94 21.74 -24.89
N LEU A 35 -11.03 21.92 -23.59
CA LEU A 35 -10.43 20.97 -22.68
C LEU A 35 -11.16 19.61 -22.66
N PHE A 36 -12.39 19.60 -23.16
CA PHE A 36 -13.25 18.43 -23.12
C PHE A 36 -13.91 18.21 -24.49
N ASP A 37 -13.12 17.80 -25.49
CA ASP A 37 -13.61 17.63 -26.86
C ASP A 37 -14.06 16.20 -27.24
N GLY A 38 -13.90 15.23 -26.35
CA GLY A 38 -14.44 13.91 -26.53
C GLY A 38 -13.71 13.06 -27.57
N GLU A 39 -12.60 13.60 -28.04
CA GLU A 39 -11.79 12.92 -29.05
C GLU A 39 -10.81 11.97 -28.39
N VAL A 40 -10.54 10.89 -29.10
CA VAL A 40 -9.57 9.93 -28.69
C VAL A 40 -8.23 10.59 -28.86
N ILE A 41 -7.29 10.27 -27.97
CA ILE A 41 -5.97 10.86 -27.99
C ILE A 41 -4.93 9.78 -28.35
N ASN A 42 -4.08 10.03 -29.34
CA ASN A 42 -3.00 9.08 -29.63
C ASN A 42 -1.70 9.50 -28.99
N ALA A 43 -1.27 8.73 -27.99
CA ALA A 43 -0.12 9.13 -27.18
C ALA A 43 1.12 8.54 -27.78
N THR A 44 2.22 9.22 -27.53
CA THR A 44 3.54 8.82 -27.97
C THR A 44 4.47 8.83 -26.76
N ALA A 45 5.73 8.46 -26.96
CA ALA A 45 6.71 8.46 -25.90
C ALA A 45 6.89 9.84 -25.27
N GLU A 46 6.60 10.89 -26.02
CA GLU A 46 6.75 12.24 -25.48
C GLU A 46 5.52 12.76 -24.76
N THR A 47 4.34 12.24 -25.05
CA THR A 47 3.16 12.80 -24.43
C THR A 47 2.53 11.99 -23.30
N LEU A 48 2.75 10.68 -23.32
CA LEU A 48 2.03 9.77 -22.41
C LEU A 48 2.18 10.16 -20.93
N ASP A 49 3.40 10.41 -20.48
CA ASP A 49 3.65 10.75 -19.09
C ASP A 49 3.04 12.09 -18.71
N LYS A 50 3.03 13.04 -19.63
CA LYS A 50 2.39 14.32 -19.35
C LYS A 50 0.89 14.11 -19.29
N LEU A 51 0.38 13.24 -20.15
CA LEU A 51 -1.04 12.95 -20.12
C LEU A 51 -1.43 12.30 -18.79
N LEU A 52 -0.60 11.41 -18.28
CA LEU A 52 -0.89 10.76 -17.00
C LEU A 52 -0.94 11.70 -15.80
N GLN A 53 -0.44 12.92 -15.95
CA GLN A 53 -0.55 13.97 -14.93
C GLN A 53 -1.98 14.52 -14.80
N ASP A 54 -2.85 14.19 -15.75
CA ASP A 54 -4.24 14.63 -15.67
C ASP A 54 -4.91 14.08 -14.41
N ASP A 55 -5.76 14.84 -13.74
CA ASP A 55 -6.53 14.29 -12.62
C ASP A 55 -7.80 13.60 -13.09
N LEU A 56 -8.26 13.88 -14.29
CA LEU A 56 -9.31 13.04 -14.90
C LEU A 56 -8.89 11.55 -15.02
N PRO A 57 -9.85 10.62 -14.81
CA PRO A 57 -9.65 9.22 -15.14
C PRO A 57 -9.20 9.06 -16.60
N MSE A 58 -8.37 8.08 -16.86
CA MSE A 58 -7.78 7.99 -18.16
C MSE A 58 -7.71 6.51 -18.51
O MSE A 58 -7.06 5.75 -17.82
CB MSE A 58 -6.39 8.66 -18.09
CG MSE A 58 -5.47 8.37 -19.23
SE MSE A 58 -4.08 9.76 -19.30
CE MSE A 58 -5.40 11.31 -19.36
N VAL A 59 -8.45 6.12 -19.54
CA VAL A 59 -8.37 4.75 -20.04
C VAL A 59 -7.45 4.70 -21.27
N ILE A 60 -6.57 3.70 -21.31
CA ILE A 60 -5.56 3.59 -22.32
C ILE A 60 -5.70 2.25 -23.06
N ASP A 61 -5.82 2.33 -24.37
CA ASP A 61 -5.95 1.19 -25.25
C ASP A 61 -4.62 0.94 -25.91
N PHE A 62 -3.92 -0.13 -25.51
CA PHE A 62 -2.67 -0.53 -26.14
C PHE A 62 -3.01 -1.54 -27.23
N TRP A 63 -2.68 -1.18 -28.45
CA TRP A 63 -3.18 -1.89 -29.61
C TRP A 63 -2.06 -2.05 -30.61
N ALA A 64 -2.35 -2.76 -31.70
CA ALA A 64 -1.39 -2.93 -32.77
C ALA A 64 -2.10 -2.94 -34.11
N PRO A 65 -1.37 -2.67 -35.19
CA PRO A 65 -2.04 -2.81 -36.49
C PRO A 65 -2.28 -4.28 -36.78
N TRP A 66 -3.17 -4.60 -37.73
CA TRP A 66 -3.43 -6.01 -38.08
C TRP A 66 -3.71 -6.90 -36.85
N CYS A 67 -4.73 -6.49 -36.09
CA CYS A 67 -5.14 -7.11 -34.82
C CYS A 67 -6.66 -7.08 -34.79
N GLY A 68 -7.31 -8.22 -35.06
CA GLY A 68 -8.76 -8.22 -35.23
C GLY A 68 -9.52 -7.63 -34.05
N PRO A 69 -9.19 -8.08 -32.83
CA PRO A 69 -9.96 -7.47 -31.75
C PRO A 69 -9.69 -5.97 -31.59
N CYS A 70 -8.48 -5.52 -31.97
CA CYS A 70 -8.14 -4.10 -31.88
C CYS A 70 -9.03 -3.35 -32.83
N ARG A 71 -9.14 -3.86 -34.06
CA ARG A 71 -10.03 -3.27 -35.04
C ARG A 71 -11.47 -3.19 -34.54
N SER A 72 -11.98 -4.22 -33.89
CA SER A 72 -13.36 -4.10 -33.56
C SER A 72 -13.54 -3.20 -32.34
N PHE A 73 -12.55 -3.11 -31.47
CA PHE A 73 -12.69 -2.26 -30.31
C PHE A 73 -12.59 -0.76 -30.63
N ALA A 74 -11.85 -0.41 -31.69
CA ALA A 74 -11.55 0.99 -31.96
C ALA A 74 -12.78 1.87 -31.97
N PRO A 75 -13.77 1.57 -32.83
CA PRO A 75 -14.95 2.43 -32.88
C PRO A 75 -15.69 2.47 -31.56
N ILE A 76 -15.61 1.38 -30.83
CA ILE A 76 -16.29 1.40 -29.53
C ILE A 76 -15.56 2.38 -28.61
N PHE A 77 -14.23 2.33 -28.61
CA PHE A 77 -13.41 3.22 -27.80
C PHE A 77 -13.76 4.70 -28.15
N ALA A 78 -13.74 5.03 -29.43
CA ALA A 78 -14.07 6.38 -29.91
C ALA A 78 -15.48 6.86 -29.52
N GLU A 79 -16.49 6.01 -29.70
CA GLU A 79 -17.84 6.46 -29.42
C GLU A 79 -18.04 6.73 -27.93
N THR A 80 -17.50 5.84 -27.10
CA THR A 80 -17.50 6.02 -25.64
C THR A 80 -16.80 7.33 -25.28
N ALA A 81 -15.65 7.56 -25.92
CA ALA A 81 -14.87 8.76 -25.69
C ALA A 81 -15.76 10.01 -25.82
N ALA A 82 -16.53 10.10 -26.90
CA ALA A 82 -17.39 11.26 -27.17
C ALA A 82 -18.46 11.40 -26.12
N GLU A 83 -18.91 10.27 -25.58
CA GLU A 83 -20.03 10.30 -24.65
C GLU A 83 -19.57 10.74 -23.28
N ARG A 84 -18.27 10.61 -23.01
CA ARG A 84 -17.74 10.99 -21.70
C ARG A 84 -16.73 12.11 -21.76
N ALA A 85 -16.89 13.04 -22.70
CA ALA A 85 -15.88 14.10 -22.93
C ALA A 85 -15.47 14.83 -21.66
N GLY A 86 -16.40 14.99 -20.72
CA GLY A 86 -16.10 15.74 -19.51
C GLY A 86 -15.72 14.94 -18.27
N LYS A 87 -15.58 13.63 -18.42
CA LYS A 87 -15.41 12.80 -17.24
C LYS A 87 -14.17 11.90 -17.34
N VAL A 88 -13.89 11.36 -18.53
CA VAL A 88 -12.82 10.37 -18.76
C VAL A 88 -12.10 10.70 -20.07
N ARG A 89 -10.78 10.56 -20.10
CA ARG A 89 -10.02 10.76 -21.33
C ARG A 89 -9.63 9.40 -21.94
N PHE A 90 -9.67 9.30 -23.26
CA PHE A 90 -9.43 8.05 -23.94
C PHE A 90 -8.15 8.14 -24.78
N VAL A 91 -7.17 7.31 -24.41
CA VAL A 91 -5.82 7.39 -24.94
C VAL A 91 -5.48 6.08 -25.57
N LYS A 92 -4.76 6.14 -26.69
CA LYS A 92 -4.36 4.98 -27.44
C LYS A 92 -2.87 5.02 -27.65
N VAL A 93 -2.27 3.84 -27.58
CA VAL A 93 -0.87 3.67 -27.84
C VAL A 93 -0.68 2.51 -28.84
N ASN A 94 -0.11 2.83 -30.01
CA ASN A 94 0.21 1.83 -31.00
C ASN A 94 1.54 1.18 -30.61
N THR A 95 1.44 -0.03 -30.11
CA THR A 95 2.60 -0.68 -29.51
C THR A 95 3.71 -0.85 -30.52
N GLU A 96 3.38 -0.86 -31.80
CA GLU A 96 4.39 -1.05 -32.84
C GLU A 96 5.08 0.27 -33.24
N ALA A 97 4.37 1.39 -33.12
CA ALA A 97 4.92 2.76 -33.22
C ALA A 97 5.76 3.08 -32.02
N GLU A 98 5.34 2.53 -30.88
CA GLU A 98 5.88 2.95 -29.59
C GLU A 98 6.39 1.77 -28.78
N PRO A 99 7.33 1.03 -29.33
CA PRO A 99 7.85 -0.19 -28.68
C PRO A 99 8.38 0.05 -27.26
N ALA A 100 9.10 1.16 -27.03
CA ALA A 100 9.64 1.39 -25.70
C ALA A 100 8.51 1.56 -24.70
N LEU A 101 7.44 2.27 -25.09
CA LEU A 101 6.26 2.39 -24.23
C LEU A 101 5.63 1.03 -23.95
N SER A 102 5.53 0.22 -24.99
CA SER A 102 4.94 -1.09 -24.83
C SER A 102 5.74 -1.95 -23.82
N THR A 103 7.05 -1.84 -23.89
CA THR A 103 7.94 -2.59 -22.99
C THR A 103 7.81 -2.06 -21.57
N ARG A 104 7.91 -0.74 -21.45
CA ARG A 104 7.77 -0.09 -20.17
C ARG A 104 6.50 -0.43 -19.42
N PHE A 105 5.38 -0.57 -20.14
CA PHE A 105 4.12 -0.93 -19.48
C PHE A 105 3.85 -2.45 -19.48
N ARG A 106 4.85 -3.21 -19.95
CA ARG A 106 4.85 -4.67 -19.90
C ARG A 106 3.57 -5.28 -20.45
N ILE A 107 3.28 -4.88 -21.68
CA ILE A 107 2.07 -5.31 -22.37
C ILE A 107 2.33 -6.75 -22.80
N ARG A 108 1.40 -7.62 -22.47
CA ARG A 108 1.50 -9.06 -22.71
C ARG A 108 0.38 -9.55 -23.65
N SER A 109 -0.61 -8.68 -23.89
CA SER A 109 -1.63 -8.96 -24.92
C SER A 109 -2.15 -7.72 -25.63
N ILE A 110 -2.65 -7.92 -26.84
CA ILE A 110 -3.32 -6.81 -27.47
C ILE A 110 -4.66 -7.23 -28.02
N PRO A 111 -5.64 -6.36 -27.78
CA PRO A 111 -5.32 -5.13 -27.08
C PRO A 111 -5.27 -5.27 -25.56
N THR A 112 -4.68 -4.28 -24.88
CA THR A 112 -4.76 -4.15 -23.41
C THR A 112 -5.43 -2.82 -23.12
N ILE A 113 -6.42 -2.84 -22.23
CA ILE A 113 -7.18 -1.66 -21.87
C ILE A 113 -7.04 -1.45 -20.37
N MSE A 114 -6.52 -0.29 -20.02
CA MSE A 114 -6.05 -0.07 -18.71
C MSE A 114 -6.67 1.24 -18.22
O MSE A 114 -6.69 2.21 -18.95
CB MSE A 114 -4.54 0.07 -18.89
CG MSE A 114 -3.74 0.14 -17.69
SE MSE A 114 -1.91 0.15 -18.26
CE MSE A 114 -1.70 -1.68 -18.83
N LEU A 115 -7.19 1.28 -16.99
CA LEU A 115 -7.70 2.51 -16.40
C LEU A 115 -6.70 3.07 -15.37
N TYR A 116 -6.34 4.33 -15.53
CA TYR A 116 -5.44 5.00 -14.60
C TYR A 116 -6.19 6.14 -13.95
N ARG A 117 -6.02 6.26 -12.63
CA ARG A 117 -6.60 7.35 -11.87
C ARG A 117 -5.56 7.92 -10.90
N ASN A 118 -5.23 9.20 -11.08
CA ASN A 118 -4.27 9.88 -10.21
C ASN A 118 -2.95 9.13 -10.11
N GLY A 119 -2.45 8.68 -11.25
CA GLY A 119 -1.20 7.97 -11.31
C GLY A 119 -1.28 6.50 -10.88
N LYS A 120 -2.43 6.03 -10.43
CA LYS A 120 -2.62 4.61 -10.03
C LYS A 120 -3.22 3.76 -11.15
N MSE A 121 -2.71 2.54 -11.32
CA MSE A 121 -3.33 1.64 -12.30
C MSE A 121 -4.49 0.92 -11.63
O MSE A 121 -4.29 0.10 -10.76
CB MSE A 121 -2.30 0.65 -12.84
CG MSE A 121 -2.59 0.18 -14.26
SE MSE A 121 -4.10 -1.01 -14.27
CE MSE A 121 -3.40 -2.43 -13.14
N ILE A 122 -5.70 1.28 -11.99
CA ILE A 122 -6.88 0.84 -11.22
C ILE A 122 -7.31 -0.60 -11.57
N ASP A 123 -7.38 -0.92 -12.86
CA ASP A 123 -7.77 -2.25 -13.32
C ASP A 123 -7.51 -2.29 -14.82
N MSE A 124 -7.37 -3.48 -15.39
CA MSE A 124 -7.33 -3.61 -16.84
C MSE A 124 -8.26 -4.68 -17.32
O MSE A 124 -8.55 -5.65 -16.60
CB MSE A 124 -5.91 -3.86 -17.37
CG MSE A 124 -5.23 -5.09 -16.89
SE MSE A 124 -3.30 -5.01 -17.40
CE MSE A 124 -2.71 -3.58 -16.18
N LEU A 125 -8.79 -4.45 -18.52
CA LEU A 125 -9.53 -5.47 -19.26
C LEU A 125 -8.52 -6.29 -20.03
N ASN A 126 -8.71 -7.60 -20.11
CA ASN A 126 -7.79 -8.42 -20.97
C ASN A 126 -7.94 -8.18 -22.49
N GLY A 127 -9.17 -8.30 -23.00
CA GLY A 127 -9.38 -8.11 -24.42
C GLY A 127 -10.51 -7.16 -24.76
N ALA A 128 -10.74 -6.97 -26.05
CA ALA A 128 -11.90 -6.25 -26.55
C ALA A 128 -13.19 -6.82 -25.95
N VAL A 129 -14.19 -5.96 -25.79
CA VAL A 129 -15.53 -6.30 -25.30
C VAL A 129 -16.48 -5.43 -26.07
N PRO A 130 -17.78 -5.78 -26.09
CA PRO A 130 -18.76 -4.91 -26.75
C PRO A 130 -18.94 -3.62 -25.92
N LYS A 131 -19.65 -2.64 -26.45
CA LYS A 131 -19.73 -1.32 -25.79
C LYS A 131 -20.41 -1.39 -24.43
N ALA A 132 -21.53 -2.11 -24.33
CA ALA A 132 -22.24 -2.13 -23.06
C ALA A 132 -21.38 -2.72 -21.93
N PRO A 133 -20.72 -3.86 -22.18
CA PRO A 133 -19.87 -4.33 -21.08
C PRO A 133 -18.69 -3.41 -20.87
N PHE A 134 -18.24 -2.75 -21.90
CA PHE A 134 -17.20 -1.77 -21.66
C PHE A 134 -17.73 -0.61 -20.77
N ASP A 135 -18.89 -0.06 -21.10
CA ASP A 135 -19.49 0.98 -20.26
C ASP A 135 -19.68 0.49 -18.82
N ASN A 136 -20.12 -0.76 -18.65
CA ASN A 136 -20.32 -1.27 -17.30
C ASN A 136 -19.00 -1.34 -16.53
N TRP A 137 -17.95 -1.77 -17.21
CA TRP A 137 -16.67 -1.92 -16.54
C TRP A 137 -16.18 -0.55 -16.07
N LEU A 138 -16.23 0.44 -16.94
CA LEU A 138 -15.84 1.77 -16.58
C LEU A 138 -16.65 2.23 -15.36
N ASP A 139 -17.98 2.11 -15.44
CA ASP A 139 -18.80 2.68 -14.37
C ASP A 139 -18.41 2.00 -13.04
N GLU A 140 -18.20 0.70 -13.08
CA GLU A 140 -17.91 -0.05 -11.88
C GLU A 140 -16.54 0.37 -11.31
N GLN A 141 -15.55 0.46 -12.18
CA GLN A 141 -14.24 0.89 -11.74
C GLN A 141 -14.23 2.34 -11.22
N LEU A 142 -15.04 3.22 -11.81
CA LEU A 142 -15.03 4.63 -11.36
C LEU A 142 -15.75 4.85 -10.03
N SER A 143 -16.68 3.95 -9.71
CA SER A 143 -17.50 4.02 -8.51
C SER A 143 -16.74 3.39 -7.36
N ARG A 144 -15.66 2.69 -7.73
CA ARG A 144 -14.76 2.06 -6.78
C ARG A 144 -14.16 3.14 -5.90
N ASP A 145 -13.87 2.79 -4.65
CA ASP A 145 -13.21 3.72 -3.74
C ASP A 145 -11.69 3.77 -3.87
N PRO A 146 -11.14 5.00 -4.01
CA PRO A 146 -9.68 5.29 -3.94
C PRO A 146 -9.06 5.12 -2.53
N ASN B 2 28.20 -24.17 -9.57
CA ASN B 2 27.31 -25.31 -9.81
C ASN B 2 26.27 -25.60 -8.73
N ALA B 3 26.58 -25.24 -7.48
CA ALA B 3 25.63 -25.42 -6.38
C ALA B 3 25.30 -24.11 -5.65
N MSE B 4 24.21 -24.14 -4.89
CA MSE B 4 23.63 -22.94 -4.27
C MSE B 4 22.79 -23.27 -2.99
O MSE B 4 22.30 -24.39 -2.84
CB MSE B 4 22.80 -22.21 -5.32
CG MSE B 4 21.70 -21.42 -4.77
SE MSE B 4 20.06 -22.41 -4.46
CE MSE B 4 19.01 -21.00 -5.28
N ASN B 5 22.66 -22.30 -2.06
CA ASN B 5 21.87 -22.50 -0.84
C ASN B 5 20.63 -21.65 -0.78
N THR B 6 19.51 -22.27 -0.43
CA THR B 6 18.25 -21.54 -0.30
C THR B 6 17.64 -21.92 1.05
N VAL B 7 16.76 -21.08 1.57
CA VAL B 7 16.24 -21.31 2.93
C VAL B 7 14.79 -21.78 2.87
N CYS B 8 14.45 -22.77 3.72
CA CYS B 8 13.08 -23.25 3.71
C CYS B 8 12.27 -22.22 4.42
N THR B 9 11.35 -21.67 3.68
CA THR B 9 10.59 -20.53 4.09
C THR B 9 9.55 -20.91 5.16
N ALA B 10 9.47 -22.20 5.49
CA ALA B 10 8.58 -22.73 6.55
C ALA B 10 9.30 -23.10 7.87
N CYS B 11 10.41 -23.83 7.76
CA CYS B 11 11.14 -24.32 8.94
C CYS B 11 12.52 -23.68 9.12
N MSE B 12 12.99 -22.95 8.11
CA MSE B 12 14.25 -22.19 8.16
C MSE B 12 15.50 -23.04 7.85
O MSE B 12 16.62 -22.54 7.89
CB MSE B 12 14.41 -21.45 9.51
CG MSE B 12 13.24 -20.52 9.83
SE MSE B 12 13.26 -18.97 8.66
CE MSE B 12 11.42 -19.07 8.05
N ALA B 13 15.31 -24.30 7.49
CA ALA B 13 16.46 -25.13 7.19
C ALA B 13 17.11 -24.68 5.90
N THR B 14 18.42 -24.72 5.86
CA THR B 14 19.09 -24.39 4.64
C THR B 14 19.14 -25.63 3.74
N ASN B 15 18.95 -25.42 2.44
CA ASN B 15 18.86 -26.50 1.46
C ASN B 15 19.86 -26.28 0.34
N ARG B 16 20.73 -27.25 0.08
CA ARG B 16 21.72 -27.18 -0.99
C ARG B 16 21.15 -27.70 -2.30
N LEU B 17 21.03 -26.82 -3.29
CA LEU B 17 20.42 -27.17 -4.58
C LEU B 17 21.37 -26.86 -5.73
N PRO B 18 21.16 -27.50 -6.90
CA PRO B 18 21.94 -27.07 -8.07
C PRO B 18 21.58 -25.65 -8.53
N GLU B 19 22.61 -24.94 -8.96
CA GLU B 19 22.45 -23.58 -9.44
C GLU B 19 21.42 -23.61 -10.56
N GLU B 20 21.56 -24.57 -11.48
CA GLU B 20 20.59 -24.78 -12.56
C GLU B 20 19.66 -25.98 -12.27
N ARG B 21 18.37 -25.69 -12.04
CA ARG B 21 17.40 -26.75 -11.76
C ARG B 21 16.69 -27.27 -12.99
N ILE B 22 16.07 -28.44 -12.85
CA ILE B 22 15.23 -29.02 -13.90
C ILE B 22 13.79 -28.51 -13.81
N ASP B 23 13.37 -28.23 -12.59
CA ASP B 23 12.02 -27.80 -12.30
C ASP B 23 12.03 -26.95 -11.04
N ASP B 24 10.85 -26.51 -10.64
CA ASP B 24 10.72 -25.75 -9.42
C ASP B 24 10.12 -26.62 -8.33
N GLY B 25 10.28 -27.94 -8.49
CA GLY B 25 9.62 -28.92 -7.64
C GLY B 25 10.23 -29.18 -6.28
N ALA B 26 11.49 -28.81 -6.07
CA ALA B 26 12.24 -29.16 -4.85
C ALA B 26 11.49 -29.01 -3.51
N LYS B 27 11.69 -29.98 -2.62
CA LYS B 27 11.04 -29.98 -1.32
C LYS B 27 12.12 -29.83 -0.25
N CYS B 28 11.77 -29.19 0.85
CA CYS B 28 12.73 -29.04 1.93
C CYS B 28 13.13 -30.42 2.45
N GLY B 29 14.43 -30.64 2.59
CA GLY B 29 14.90 -31.95 3.01
C GLY B 29 14.64 -32.20 4.48
N ARG B 30 14.17 -31.19 5.22
CA ARG B 30 13.91 -31.41 6.63
C ARG B 30 12.43 -31.54 6.91
N CYS B 31 11.60 -30.79 6.18
CA CYS B 31 10.19 -30.76 6.51
C CYS B 31 9.26 -30.98 5.33
N GLY B 32 9.82 -31.24 4.15
CA GLY B 32 9.01 -31.37 2.94
C GLY B 32 8.32 -30.15 2.32
N HIS B 33 8.55 -28.97 2.84
CA HIS B 33 7.87 -27.80 2.28
C HIS B 33 8.30 -27.60 0.82
N SER B 34 7.40 -27.14 -0.05
CA SER B 34 7.79 -26.72 -1.41
C SER B 34 8.78 -25.59 -1.28
N LEU B 35 9.98 -25.73 -1.82
CA LEU B 35 10.97 -24.66 -1.67
C LEU B 35 10.68 -23.43 -2.54
N PHE B 36 9.75 -23.56 -3.48
CA PHE B 36 9.45 -22.48 -4.41
C PHE B 36 7.95 -22.22 -4.54
N ASP B 37 7.29 -21.83 -3.47
CA ASP B 37 5.83 -21.75 -3.51
C ASP B 37 5.22 -20.41 -3.98
N GLY B 38 6.05 -19.37 -4.18
CA GLY B 38 5.60 -18.10 -4.71
C GLY B 38 4.81 -17.24 -3.72
N GLU B 39 4.77 -17.67 -2.46
CA GLU B 39 4.04 -17.00 -1.38
C GLU B 39 4.83 -15.87 -0.74
N VAL B 40 4.14 -14.82 -0.30
CA VAL B 40 4.75 -13.78 0.50
C VAL B 40 5.03 -14.24 1.94
N ILE B 41 6.27 -14.09 2.40
CA ILE B 41 6.66 -14.58 3.71
C ILE B 41 6.58 -13.47 4.74
N ASN B 42 5.73 -13.64 5.75
CA ASN B 42 5.79 -12.78 6.93
C ASN B 42 7.04 -13.02 7.75
N ALA B 43 7.92 -12.03 7.83
CA ALA B 43 9.14 -12.20 8.61
C ALA B 43 9.00 -11.49 9.95
N THR B 44 9.63 -12.04 10.98
CA THR B 44 9.60 -11.46 12.32
C THR B 44 11.03 -11.30 12.77
N ALA B 45 11.21 -10.76 13.96
CA ALA B 45 12.54 -10.61 14.53
C ALA B 45 13.31 -11.95 14.55
N GLU B 46 12.59 -13.04 14.76
CA GLU B 46 13.20 -14.37 14.87
C GLU B 46 13.63 -14.91 13.53
N THR B 47 13.00 -14.49 12.44
CA THR B 47 13.28 -15.15 11.18
C THR B 47 14.05 -14.34 10.17
N LEU B 48 14.00 -13.01 10.26
CA LEU B 48 14.48 -12.20 9.13
C LEU B 48 15.94 -12.45 8.77
N ASP B 49 16.83 -12.49 9.75
CA ASP B 49 18.24 -12.77 9.49
C ASP B 49 18.44 -14.18 8.91
N LYS B 50 17.63 -15.13 9.38
CA LYS B 50 17.75 -16.48 8.88
C LYS B 50 17.36 -16.45 7.41
N LEU B 51 16.26 -15.74 7.10
CA LEU B 51 15.85 -15.67 5.72
C LEU B 51 16.93 -15.02 4.85
N LEU B 52 17.61 -14.00 5.36
CA LEU B 52 18.61 -13.29 4.57
C LEU B 52 19.84 -14.14 4.19
N GLN B 53 19.98 -15.33 4.80
CA GLN B 53 21.04 -16.28 4.44
C GLN B 53 20.78 -16.96 3.09
N ASP B 54 19.54 -16.91 2.64
CA ASP B 54 19.23 -17.36 1.29
C ASP B 54 20.13 -16.76 0.22
N ASP B 55 20.69 -17.58 -0.65
CA ASP B 55 21.34 -17.07 -1.87
C ASP B 55 20.40 -16.59 -2.99
N LEU B 56 19.10 -16.90 -2.92
CA LEU B 56 18.17 -16.25 -3.86
C LEU B 56 18.00 -14.77 -3.49
N PRO B 57 17.86 -13.92 -4.51
CA PRO B 57 17.45 -12.56 -4.25
C PRO B 57 16.20 -12.62 -3.39
N MSE B 58 16.09 -11.56 -2.58
CA MSE B 58 15.01 -11.42 -1.64
C MSE B 58 14.57 -9.96 -1.60
O MSE B 58 15.36 -9.08 -1.33
CB MSE B 58 15.53 -11.89 -0.27
CG MSE B 58 14.62 -11.65 0.90
SE MSE B 58 15.23 -12.72 2.39
CE MSE B 58 14.71 -14.48 1.63
N VAL B 59 13.31 -9.71 -1.86
CA VAL B 59 12.77 -8.37 -1.69
C VAL B 59 11.83 -8.31 -0.46
N ILE B 60 12.00 -7.26 0.34
CA ILE B 60 11.28 -7.08 1.59
C ILE B 60 10.40 -5.84 1.56
N ASP B 61 9.13 -6.03 1.83
CA ASP B 61 8.19 -4.93 1.98
C ASP B 61 7.99 -4.60 3.45
N PHE B 62 8.63 -3.52 3.93
CA PHE B 62 8.32 -2.94 5.24
C PHE B 62 7.10 -2.01 5.06
N TRP B 63 6.02 -2.31 5.78
CA TRP B 63 4.71 -1.73 5.57
C TRP B 63 3.99 -1.64 6.91
N ALA B 64 2.86 -0.93 6.95
CA ALA B 64 1.99 -0.97 8.14
C ALA B 64 0.54 -0.86 7.71
N PRO B 65 -0.39 -1.41 8.51
CA PRO B 65 -1.76 -1.49 7.98
C PRO B 65 -2.53 -0.16 7.83
N TRP B 66 -2.10 0.91 8.51
CA TRP B 66 -2.79 2.20 8.38
C TRP B 66 -2.20 3.05 7.29
N CYS B 67 -1.35 2.46 6.49
CA CYS B 67 -0.67 3.22 5.46
C CYS B 67 -1.36 2.97 4.12
N GLY B 68 -1.94 4.02 3.56
CA GLY B 68 -2.75 3.90 2.35
C GLY B 68 -1.97 3.30 1.21
N PRO B 69 -0.78 3.84 0.93
CA PRO B 69 0.00 3.27 -0.16
C PRO B 69 0.44 1.80 0.14
N CYS B 70 0.67 1.46 1.41
CA CYS B 70 0.96 0.08 1.83
C CYS B 70 -0.19 -0.87 1.42
N ARG B 71 -1.42 -0.48 1.77
CA ARG B 71 -2.59 -1.30 1.45
C ARG B 71 -2.70 -1.51 -0.05
N SER B 72 -2.48 -0.46 -0.80
CA SER B 72 -2.70 -0.55 -2.21
C SER B 72 -1.50 -1.33 -2.84
N PHE B 73 -0.33 -1.31 -2.21
CA PHE B 73 0.80 -2.02 -2.78
C PHE B 73 0.81 -3.54 -2.52
N ALA B 74 0.17 -3.93 -1.42
CA ALA B 74 0.10 -5.30 -0.97
C ALA B 74 -0.22 -6.36 -2.05
N PRO B 75 -1.40 -6.25 -2.71
CA PRO B 75 -1.77 -7.28 -3.70
C PRO B 75 -0.78 -7.26 -4.83
N ILE B 76 -0.26 -6.10 -5.20
CA ILE B 76 0.78 -6.07 -6.22
C ILE B 76 1.99 -6.93 -5.82
N PHE B 77 2.48 -6.73 -4.60
CA PHE B 77 3.62 -7.51 -4.08
C PHE B 77 3.27 -9.02 -4.21
N ALA B 78 2.06 -9.38 -3.82
CA ALA B 78 1.67 -10.80 -3.75
C ALA B 78 1.63 -11.39 -5.15
N GLU B 79 1.05 -10.64 -6.08
CA GLU B 79 0.93 -11.10 -7.43
C GLU B 79 2.29 -11.31 -8.08
N THR B 80 3.21 -10.37 -7.90
CA THR B 80 4.55 -10.51 -8.46
C THR B 80 5.24 -11.69 -7.79
N ALA B 81 5.00 -11.87 -6.51
CA ALA B 81 5.68 -12.94 -5.81
C ALA B 81 5.38 -14.28 -6.47
N ALA B 82 4.12 -14.47 -6.83
CA ALA B 82 3.65 -15.74 -7.43
C ALA B 82 4.32 -15.95 -8.78
N GLU B 83 4.44 -14.88 -9.56
CA GLU B 83 5.13 -14.96 -10.86
C GLU B 83 6.64 -15.27 -10.79
N ARG B 84 7.29 -15.06 -9.63
CA ARG B 84 8.73 -15.20 -9.53
C ARG B 84 9.13 -16.31 -8.55
N ALA B 85 8.19 -17.21 -8.29
CA ALA B 85 8.32 -18.29 -7.32
C ALA B 85 9.70 -18.98 -7.23
N GLY B 86 10.35 -19.22 -8.36
CA GLY B 86 11.62 -19.93 -8.32
C GLY B 86 12.85 -19.04 -8.50
N LYS B 87 12.63 -17.73 -8.54
CA LYS B 87 13.70 -16.79 -8.84
C LYS B 87 13.92 -15.79 -7.71
N VAL B 88 12.85 -15.37 -7.04
CA VAL B 88 13.00 -14.29 -6.04
C VAL B 88 12.09 -14.49 -4.86
N ARG B 89 12.61 -14.40 -3.65
CA ARG B 89 11.77 -14.55 -2.46
C ARG B 89 11.14 -13.22 -2.06
N PHE B 90 9.86 -13.24 -1.69
CA PHE B 90 9.15 -12.05 -1.26
C PHE B 90 8.80 -12.06 0.22
N VAL B 91 9.27 -11.06 0.96
CA VAL B 91 9.10 -11.03 2.42
C VAL B 91 8.39 -9.74 2.84
N LYS B 92 7.55 -9.81 3.85
CA LYS B 92 6.90 -8.60 4.35
C LYS B 92 7.19 -8.47 5.84
N VAL B 93 7.42 -7.23 6.28
CA VAL B 93 7.68 -6.96 7.68
C VAL B 93 6.75 -5.85 8.08
N ASN B 94 5.95 -6.12 9.10
CA ASN B 94 4.98 -5.17 9.59
C ASN B 94 5.70 -4.33 10.60
N THR B 95 5.89 -3.05 10.28
CA THR B 95 6.81 -2.23 11.04
C THR B 95 6.21 -1.91 12.40
N GLU B 96 4.89 -1.96 12.51
CA GLU B 96 4.25 -1.68 13.80
C GLU B 96 4.29 -2.92 14.69
N ALA B 97 4.20 -4.11 14.10
CA ALA B 97 4.21 -5.34 14.89
C ALA B 97 5.63 -5.75 15.27
N GLU B 98 6.59 -5.28 14.48
CA GLU B 98 7.97 -5.69 14.56
C GLU B 98 8.88 -4.46 14.73
N PRO B 99 8.65 -3.66 15.76
CA PRO B 99 9.32 -2.37 15.76
C PRO B 99 10.84 -2.47 15.92
N ALA B 100 11.35 -3.55 16.51
CA ALA B 100 12.78 -3.69 16.63
C ALA B 100 13.39 -3.84 15.24
N LEU B 101 12.71 -4.61 14.40
CA LEU B 101 13.17 -4.76 13.01
C LEU B 101 13.06 -3.41 12.34
N SER B 102 11.99 -2.68 12.59
CA SER B 102 11.85 -1.39 11.93
C SER B 102 13.02 -0.49 12.30
N THR B 103 13.43 -0.57 13.55
CA THR B 103 14.48 0.30 14.05
C THR B 103 15.80 -0.14 13.45
N ARG B 104 16.05 -1.45 13.54
CA ARG B 104 17.29 -1.99 13.06
C ARG B 104 17.56 -1.63 11.60
N PHE B 105 16.53 -1.71 10.76
CA PHE B 105 16.64 -1.38 9.32
C PHE B 105 16.42 0.10 9.01
N ARG B 106 16.19 0.89 10.06
CA ARG B 106 16.21 2.35 9.96
C ARG B 106 15.18 2.81 8.94
N ILE B 107 13.98 2.26 9.04
CA ILE B 107 12.97 2.53 8.06
C ILE B 107 12.54 3.97 8.25
N ARG B 108 12.50 4.75 7.18
CA ARG B 108 12.22 6.18 7.33
C ARG B 108 10.92 6.58 6.64
N SER B 109 10.28 5.61 5.96
CA SER B 109 8.96 5.81 5.43
C SER B 109 8.41 4.46 4.96
N ILE B 110 7.09 4.33 4.95
CA ILE B 110 6.48 3.10 4.48
C ILE B 110 5.56 3.45 3.35
N PRO B 111 5.44 2.53 2.40
CA PRO B 111 6.19 1.27 2.47
C PRO B 111 7.59 1.43 1.94
N THR B 112 8.55 0.74 2.53
CA THR B 112 9.89 0.66 1.95
C THR B 112 10.09 -0.74 1.36
N ILE B 113 10.62 -0.80 0.14
CA ILE B 113 10.77 -2.06 -0.54
C ILE B 113 12.24 -2.24 -0.86
N MSE B 114 12.86 -3.23 -0.23
CA MSE B 114 14.30 -3.35 -0.19
C MSE B 114 14.73 -4.68 -0.84
O MSE B 114 14.29 -5.74 -0.41
CB MSE B 114 14.69 -3.36 1.27
CG MSE B 114 15.94 -2.66 1.64
SE MSE B 114 16.23 -2.81 3.57
CE MSE B 114 15.37 -1.14 4.12
N LEU B 115 15.58 -4.62 -1.87
CA LEU B 115 16.12 -5.83 -2.47
C LEU B 115 17.50 -6.22 -1.92
N TYR B 116 17.55 -7.42 -1.37
CA TYR B 116 18.80 -8.01 -0.90
C TYR B 116 19.26 -9.10 -1.83
N ARG B 117 20.57 -9.17 -2.03
CA ARG B 117 21.21 -10.23 -2.78
C ARG B 117 22.51 -10.63 -2.06
N ASN B 118 22.58 -11.87 -1.58
CA ASN B 118 23.76 -12.35 -0.88
C ASN B 118 24.18 -11.39 0.21
N GLY B 119 23.19 -10.92 0.97
CA GLY B 119 23.46 -10.06 2.12
C GLY B 119 23.86 -8.63 1.79
N LYS B 120 23.85 -8.26 0.51
CA LYS B 120 24.07 -6.86 0.12
C LYS B 120 22.73 -6.21 -0.17
N MSE B 121 22.50 -5.03 0.41
CA MSE B 121 21.28 -4.27 0.10
C MSE B 121 21.52 -3.62 -1.26
O MSE B 121 22.36 -2.72 -1.38
CB MSE B 121 21.07 -3.22 1.17
CG MSE B 121 19.63 -2.86 1.43
SE MSE B 121 18.95 -1.91 -0.13
CE MSE B 121 20.16 -0.34 -0.17
N ILE B 122 20.82 -4.08 -2.28
CA ILE B 122 21.19 -3.68 -3.65
C ILE B 122 20.59 -2.32 -4.01
N ASP B 123 19.35 -2.10 -3.56
CA ASP B 123 18.59 -0.88 -3.84
C ASP B 123 17.26 -0.99 -3.11
N MSE B 124 16.67 0.15 -2.81
CA MSE B 124 15.34 0.15 -2.21
C MSE B 124 14.43 1.21 -2.85
O MSE B 124 14.88 2.21 -3.33
CB MSE B 124 15.40 0.35 -0.69
CG MSE B 124 15.66 1.82 -0.24
SE MSE B 124 15.87 1.97 1.69
CE MSE B 124 17.55 0.95 1.94
N LEU B 125 13.16 0.91 -2.88
CA LEU B 125 12.15 1.87 -3.31
C LEU B 125 11.62 2.49 -2.06
N ASN B 126 11.52 3.81 -2.03
CA ASN B 126 10.74 4.43 -0.99
C ASN B 126 9.39 4.85 -1.55
N GLY B 127 8.42 3.96 -1.46
CA GLY B 127 7.09 4.24 -1.94
C GLY B 127 6.48 3.24 -2.92
N ALA B 128 5.17 3.04 -2.78
CA ALA B 128 4.38 2.26 -3.69
C ALA B 128 4.46 2.77 -5.10
N VAL B 129 4.31 1.83 -6.03
CA VAL B 129 4.31 2.04 -7.48
C VAL B 129 3.43 0.93 -8.09
N PRO B 130 2.98 1.14 -9.33
CA PRO B 130 2.15 0.12 -9.97
C PRO B 130 3.01 -1.12 -10.29
N LYS B 131 2.35 -2.23 -10.59
CA LYS B 131 3.06 -3.47 -10.82
C LYS B 131 4.15 -3.38 -11.91
N ALA B 132 3.82 -2.81 -13.07
CA ALA B 132 4.82 -2.72 -14.15
C ALA B 132 6.13 -2.02 -13.76
N PRO B 133 6.04 -0.77 -13.25
CA PRO B 133 7.27 -0.11 -12.80
C PRO B 133 7.99 -0.96 -11.76
N PHE B 134 7.23 -1.66 -10.91
CA PHE B 134 7.80 -2.57 -9.94
C PHE B 134 8.60 -3.71 -10.61
N ASP B 135 7.97 -4.41 -11.54
CA ASP B 135 8.64 -5.46 -12.27
C ASP B 135 9.83 -4.87 -12.99
N ASN B 136 9.69 -3.63 -13.48
CA ASN B 136 10.78 -3.08 -14.25
C ASN B 136 12.00 -2.83 -13.37
N TRP B 137 11.72 -2.37 -12.15
CA TRP B 137 12.76 -2.06 -11.19
C TRP B 137 13.45 -3.35 -10.74
N LEU B 138 12.67 -4.34 -10.32
CA LEU B 138 13.22 -5.68 -10.07
C LEU B 138 14.16 -6.15 -11.22
N ASP B 139 13.65 -6.18 -12.46
CA ASP B 139 14.46 -6.68 -13.57
C ASP B 139 15.75 -5.90 -13.69
N GLU B 140 15.65 -4.59 -13.54
CA GLU B 140 16.82 -3.73 -13.71
C GLU B 140 17.86 -4.01 -12.64
N GLN B 141 17.42 -4.20 -11.41
CA GLN B 141 18.32 -4.38 -10.29
C GLN B 141 18.89 -5.78 -10.25
N LEU B 142 18.10 -6.75 -10.69
CA LEU B 142 18.53 -8.14 -10.68
C LEU B 142 19.61 -8.36 -11.74
N SER B 143 19.47 -7.70 -12.89
CA SER B 143 20.43 -7.84 -13.95
C SER B 143 21.70 -7.06 -13.67
N ARG B 144 21.63 -6.12 -12.72
CA ARG B 144 22.79 -5.38 -12.21
C ARG B 144 23.98 -6.26 -11.89
N ASP B 145 25.18 -5.67 -11.93
CA ASP B 145 26.38 -6.39 -11.55
C ASP B 145 26.30 -6.97 -10.12
N MSE C 4 -12.69 -8.39 30.40
CA MSE C 4 -12.32 -9.27 29.26
C MSE C 4 -11.00 -8.94 28.48
O MSE C 4 -10.93 -7.91 27.80
CB MSE C 4 -13.50 -9.36 28.30
CG MSE C 4 -13.35 -10.40 27.20
SE MSE C 4 -12.16 -9.84 25.75
CE MSE C 4 -11.62 -11.63 25.12
N ASN C 5 -9.99 -9.83 28.54
CA ASN C 5 -8.70 -9.69 27.79
C ASN C 5 -8.59 -10.52 26.50
N THR C 6 -8.10 -9.87 25.44
CA THR C 6 -7.90 -10.58 24.16
C THR C 6 -6.54 -10.23 23.62
N VAL C 7 -6.03 -11.06 22.70
CA VAL C 7 -4.67 -10.93 22.18
C VAL C 7 -4.68 -10.40 20.74
N CYS C 8 -3.83 -9.42 20.48
CA CYS C 8 -3.69 -8.88 19.14
C CYS C 8 -2.90 -9.82 18.25
N THR C 9 -3.57 -10.26 17.21
CA THR C 9 -3.11 -11.30 16.27
C THR C 9 -1.85 -10.88 15.50
N ALA C 10 -1.62 -9.56 15.40
CA ALA C 10 -0.49 -9.03 14.65
C ALA C 10 0.75 -8.80 15.51
N CYS C 11 0.56 -8.23 16.71
CA CYS C 11 1.71 -7.93 17.60
C CYS C 11 1.71 -8.61 18.97
N MSE C 12 0.73 -9.49 19.22
CA MSE C 12 0.68 -10.17 20.51
C MSE C 12 0.34 -9.28 21.74
O MSE C 12 0.18 -9.82 22.83
CB MSE C 12 2.01 -10.90 20.77
CG MSE C 12 2.44 -11.87 19.68
SE MSE C 12 1.08 -13.24 19.43
CE MSE C 12 0.24 -12.61 17.78
N ALA C 13 0.21 -7.96 21.61
CA ALA C 13 -0.20 -7.15 22.77
C ALA C 13 -1.56 -7.55 23.37
N THR C 14 -1.68 -7.62 24.69
CA THR C 14 -3.00 -7.94 25.22
C THR C 14 -3.85 -6.69 25.20
N ASN C 15 -5.11 -6.83 24.81
CA ASN C 15 -6.04 -5.68 24.84
C ASN C 15 -7.27 -6.01 25.68
N ARG C 16 -7.63 -5.13 26.61
CA ARG C 16 -8.84 -5.33 27.42
C ARG C 16 -10.06 -4.69 26.76
N LEU C 17 -11.07 -5.50 26.49
CA LEU C 17 -12.28 -5.02 25.84
C LEU C 17 -13.53 -5.28 26.71
N PRO C 18 -14.56 -4.43 26.58
CA PRO C 18 -15.77 -4.71 27.35
C PRO C 18 -16.15 -6.18 27.23
N GLU C 19 -16.70 -6.76 28.28
CA GLU C 19 -17.21 -8.13 28.17
C GLU C 19 -18.24 -8.25 27.04
N GLU C 20 -19.22 -7.33 27.04
CA GLU C 20 -20.16 -7.24 25.93
C GLU C 20 -19.93 -5.96 25.11
N ARG C 21 -19.66 -6.15 23.82
CA ARG C 21 -19.21 -5.06 22.94
C ARG C 21 -20.34 -4.43 22.11
N ILE C 22 -20.03 -3.27 21.51
CA ILE C 22 -20.94 -2.55 20.62
C ILE C 22 -20.76 -3.04 19.20
N ASP C 23 -19.57 -3.59 18.95
CA ASP C 23 -19.17 -3.99 17.61
C ASP C 23 -17.87 -4.79 17.67
N ASP C 24 -17.36 -5.13 16.50
CA ASP C 24 -16.12 -5.88 16.40
C ASP C 24 -15.05 -5.01 15.75
N GLY C 25 -15.32 -3.71 15.67
CA GLY C 25 -14.42 -2.80 15.00
C GLY C 25 -13.13 -2.62 15.78
N ALA C 26 -13.16 -3.01 17.05
CA ALA C 26 -12.05 -2.85 17.98
C ALA C 26 -10.62 -3.04 17.41
N LYS C 27 -9.80 -2.01 17.59
CA LYS C 27 -8.45 -1.90 17.00
C LYS C 27 -7.36 -2.10 18.06
N CYS C 28 -6.23 -2.70 17.70
CA CYS C 28 -5.19 -2.92 18.71
C CYS C 28 -4.62 -1.62 19.27
N GLY C 29 -4.57 -1.52 20.59
CA GLY C 29 -4.13 -0.31 21.25
C GLY C 29 -2.69 0.03 20.89
N ARG C 30 -1.92 -0.98 20.50
CA ARG C 30 -0.51 -0.74 20.27
C ARG C 30 -0.11 -0.54 18.82
N CYS C 31 -0.88 -1.08 17.87
CA CYS C 31 -0.41 -1.14 16.49
C CYS C 31 -1.53 -0.97 15.45
N GLY C 32 -2.75 -0.79 15.93
CA GLY C 32 -3.88 -0.49 15.07
C GLY C 32 -4.49 -1.66 14.33
N HIS C 33 -3.89 -2.83 14.48
CA HIS C 33 -4.39 -4.02 13.82
C HIS C 33 -5.86 -4.28 14.18
N SER C 34 -6.67 -4.72 13.20
CA SER C 34 -8.07 -4.99 13.49
C SER C 34 -8.09 -6.19 14.41
N LEU C 35 -8.84 -6.11 15.52
CA LEU C 35 -8.75 -7.18 16.51
C LEU C 35 -9.63 -8.37 16.17
N PHE C 36 -10.52 -8.20 15.20
CA PHE C 36 -11.35 -9.33 14.73
C PHE C 36 -11.36 -9.57 13.23
N ASP C 37 -10.21 -9.99 12.72
CA ASP C 37 -10.00 -10.46 11.36
C ASP C 37 -10.96 -11.48 10.81
N GLY C 38 -11.27 -12.48 11.64
CA GLY C 38 -11.83 -13.72 11.14
C GLY C 38 -10.81 -14.47 10.29
N GLU C 39 -9.54 -14.16 10.52
CA GLU C 39 -8.43 -14.64 9.72
C GLU C 39 -7.77 -15.86 10.42
N VAL C 40 -7.37 -16.88 9.68
CA VAL C 40 -6.62 -17.98 10.28
C VAL C 40 -5.24 -17.44 10.73
N ILE C 41 -4.83 -17.80 11.93
CA ILE C 41 -3.53 -17.39 12.46
C ILE C 41 -2.53 -18.55 12.36
N ASN C 42 -1.39 -18.29 11.75
CA ASN C 42 -0.28 -19.23 11.77
C ASN C 42 0.61 -18.99 12.95
N ALA C 43 0.65 -19.95 13.86
CA ALA C 43 1.36 -19.79 15.14
C ALA C 43 2.73 -20.44 15.09
N THR C 44 3.68 -19.82 15.75
CA THR C 44 5.01 -20.38 15.77
C THR C 44 5.25 -20.80 17.21
N ALA C 45 6.39 -21.46 17.43
CA ALA C 45 6.88 -21.73 18.76
C ALA C 45 6.90 -20.39 19.53
N GLU C 46 7.04 -19.31 18.77
CA GLU C 46 7.15 -18.00 19.37
C GLU C 46 5.85 -17.48 19.94
N THR C 47 4.73 -17.86 19.34
CA THR C 47 3.52 -17.09 19.54
C THR C 47 2.34 -17.84 20.11
N LEU C 48 2.31 -19.15 19.89
CA LEU C 48 1.16 -19.97 20.28
C LEU C 48 0.77 -19.75 21.74
N ASP C 49 1.79 -19.78 22.60
CA ASP C 49 1.62 -19.61 24.04
C ASP C 49 0.99 -18.25 24.40
N LYS C 50 1.49 -17.19 23.80
CA LYS C 50 0.86 -15.88 23.90
C LYS C 50 -0.60 -15.92 23.41
N LEU C 51 -0.82 -16.50 22.24
CA LEU C 51 -2.15 -16.52 21.62
C LEU C 51 -3.17 -17.21 22.51
N LEU C 52 -2.69 -18.22 23.24
CA LEU C 52 -3.51 -19.07 24.11
C LEU C 52 -4.05 -18.42 25.39
N GLN C 53 -3.42 -17.34 25.83
CA GLN C 53 -3.87 -16.63 27.03
C GLN C 53 -5.05 -15.69 26.76
N ASP C 54 -5.41 -15.54 25.48
CA ASP C 54 -6.67 -14.91 25.07
C ASP C 54 -7.82 -15.50 25.90
N ASP C 55 -8.86 -14.71 26.12
CA ASP C 55 -9.99 -15.15 26.92
C ASP C 55 -11.00 -15.74 25.97
N LEU C 56 -10.83 -15.42 24.69
CA LEU C 56 -11.67 -16.05 23.69
C LEU C 56 -11.30 -17.54 23.56
N PRO C 57 -12.27 -18.34 23.12
CA PRO C 57 -11.89 -19.73 22.80
C PRO C 57 -11.06 -19.78 21.52
N MSE C 58 -10.22 -20.79 21.46
CA MSE C 58 -9.29 -20.92 20.37
C MSE C 58 -9.40 -22.35 19.78
O MSE C 58 -9.52 -23.31 20.54
CB MSE C 58 -7.93 -20.64 20.94
CG MSE C 58 -6.78 -20.60 19.96
SE MSE C 58 -5.57 -19.31 20.72
CE MSE C 58 -7.11 -17.95 21.00
N VAL C 59 -9.38 -22.46 18.46
CA VAL C 59 -9.35 -23.72 17.74
C VAL C 59 -8.04 -23.85 16.98
N ILE C 60 -7.33 -24.94 17.21
CA ILE C 60 -6.00 -25.07 16.65
C ILE C 60 -5.93 -26.25 15.68
N ASP C 61 -5.60 -25.98 14.43
CA ASP C 61 -5.47 -27.03 13.45
C ASP C 61 -3.99 -27.41 13.38
N PHE C 62 -3.62 -28.56 13.95
CA PHE C 62 -2.26 -29.10 13.80
C PHE C 62 -2.22 -29.94 12.52
N TRP C 63 -1.42 -29.53 11.57
CA TRP C 63 -1.53 -30.05 10.21
C TRP C 63 -0.10 -30.14 9.66
N ALA C 64 0.05 -30.75 8.48
CA ALA C 64 1.29 -30.69 7.69
C ALA C 64 0.98 -30.78 6.20
N PRO C 65 1.87 -30.21 5.36
CA PRO C 65 1.56 -30.15 3.92
C PRO C 65 1.51 -31.49 3.18
N TRP C 66 2.27 -32.52 3.58
CA TRP C 66 2.17 -33.80 2.86
C TRP C 66 0.99 -34.63 3.31
N CYS C 67 0.09 -34.00 4.04
CA CYS C 67 -1.02 -34.70 4.63
C CYS C 67 -2.25 -34.45 3.79
N GLY C 68 -2.70 -35.46 3.04
CA GLY C 68 -3.85 -35.29 2.18
C GLY C 68 -5.12 -34.76 2.85
N PRO C 69 -5.50 -35.35 3.97
CA PRO C 69 -6.67 -34.85 4.74
C PRO C 69 -6.48 -33.42 5.29
N CYS C 70 -5.24 -33.04 5.57
CA CYS C 70 -5.00 -31.70 6.08
C CYS C 70 -5.34 -30.74 4.96
N ARG C 71 -4.91 -31.12 3.77
CA ARG C 71 -5.05 -30.29 2.61
C ARG C 71 -6.52 -30.06 2.29
N SER C 72 -7.33 -31.10 2.47
CA SER C 72 -8.77 -30.99 2.25
C SER C 72 -9.40 -30.14 3.29
N PHE C 73 -8.98 -30.30 4.53
CA PHE C 73 -9.63 -29.62 5.62
C PHE C 73 -9.36 -28.11 5.66
N ALA C 74 -8.20 -27.71 5.15
CA ALA C 74 -7.77 -26.32 5.24
C ALA C 74 -8.84 -25.24 4.90
N PRO C 75 -9.44 -25.31 3.70
CA PRO C 75 -10.41 -24.30 3.27
C PRO C 75 -11.65 -24.32 4.13
N ILE C 76 -12.00 -25.49 4.65
CA ILE C 76 -13.14 -25.59 5.55
C ILE C 76 -12.84 -24.81 6.82
N PHE C 77 -11.59 -24.88 7.26
CA PHE C 77 -11.19 -24.27 8.49
C PHE C 77 -11.21 -22.77 8.28
N ALA C 78 -10.66 -22.35 7.15
CA ALA C 78 -10.55 -20.96 6.82
C ALA C 78 -11.93 -20.34 6.63
N GLU C 79 -12.77 -21.05 5.89
CA GLU C 79 -14.15 -20.60 5.77
C GLU C 79 -14.80 -20.47 7.15
N THR C 80 -14.68 -21.49 7.99
CA THR C 80 -15.33 -21.48 9.29
C THR C 80 -14.81 -20.31 10.12
N ALA C 81 -13.52 -19.98 9.99
CA ALA C 81 -12.92 -18.83 10.70
C ALA C 81 -13.57 -17.53 10.33
N ALA C 82 -13.74 -17.28 9.03
CA ALA C 82 -14.32 -16.00 8.60
C ALA C 82 -15.68 -15.81 9.25
N GLU C 83 -16.42 -16.92 9.34
CA GLU C 83 -17.79 -16.91 9.82
C GLU C 83 -17.90 -16.64 11.32
N ARG C 84 -16.86 -16.95 12.07
CA ARG C 84 -16.93 -16.80 13.51
C ARG C 84 -15.96 -15.71 13.96
N ALA C 85 -15.75 -14.75 13.04
CA ALA C 85 -14.77 -13.67 13.13
C ALA C 85 -14.66 -12.98 14.49
N GLY C 86 -15.79 -12.76 15.16
CA GLY C 86 -15.78 -12.08 16.45
C GLY C 86 -15.89 -12.93 17.71
N LYS C 87 -15.78 -14.27 17.56
CA LYS C 87 -16.13 -15.19 18.66
C LYS C 87 -15.13 -16.32 18.93
N VAL C 88 -14.50 -16.84 17.90
CA VAL C 88 -13.51 -17.88 18.09
C VAL C 88 -12.29 -17.53 17.23
N ARG C 89 -11.09 -17.70 17.79
CA ARG C 89 -9.88 -17.53 17.00
C ARG C 89 -9.53 -18.89 16.41
N PHE C 90 -9.02 -18.83 15.18
CA PHE C 90 -8.61 -20.02 14.48
C PHE C 90 -7.15 -19.92 14.19
N VAL C 91 -6.38 -20.89 14.71
CA VAL C 91 -4.97 -20.93 14.47
C VAL C 91 -4.52 -22.29 13.91
N LYS C 92 -3.40 -22.27 13.19
CA LYS C 92 -2.80 -23.42 12.54
C LYS C 92 -1.39 -23.57 13.01
N VAL C 93 -0.94 -24.80 13.24
CA VAL C 93 0.49 -25.03 13.38
C VAL C 93 0.92 -26.17 12.50
N ASN C 94 1.98 -25.90 11.76
CA ASN C 94 2.57 -26.83 10.87
C ASN C 94 3.45 -27.68 11.74
N THR C 95 3.04 -28.93 11.94
CA THR C 95 3.74 -29.84 12.86
C THR C 95 5.13 -30.16 12.40
N GLU C 96 5.35 -30.20 11.09
CA GLU C 96 6.70 -30.43 10.54
C GLU C 96 7.63 -29.20 10.69
N ALA C 97 7.07 -27.99 10.57
CA ALA C 97 7.85 -26.78 10.69
C ALA C 97 8.01 -26.31 12.13
N GLU C 98 7.09 -26.73 13.01
CA GLU C 98 7.12 -26.37 14.43
C GLU C 98 7.17 -27.65 15.25
N PRO C 99 8.31 -28.36 15.19
CA PRO C 99 8.32 -29.69 15.83
C PRO C 99 8.19 -29.61 17.36
N ALA C 100 8.69 -28.53 17.94
CA ALA C 100 8.65 -28.36 19.37
C ALA C 100 7.22 -28.23 19.84
N LEU C 101 6.42 -27.50 19.06
CA LEU C 101 5.00 -27.41 19.33
C LEU C 101 4.33 -28.77 19.15
N SER C 102 4.70 -29.49 18.10
CA SER C 102 4.04 -30.78 17.86
C SER C 102 4.23 -31.69 19.09
N THR C 103 5.45 -31.65 19.58
CA THR C 103 5.92 -32.49 20.67
C THR C 103 5.29 -32.05 21.97
N ARG C 104 5.30 -30.75 22.23
CA ARG C 104 4.65 -30.25 23.44
C ARG C 104 3.15 -30.58 23.49
N PHE C 105 2.44 -30.45 22.37
CA PHE C 105 0.99 -30.74 22.36
C PHE C 105 0.70 -32.21 22.07
N ARG C 106 1.77 -33.00 21.96
CA ARG C 106 1.69 -34.47 21.92
C ARG C 106 0.77 -34.87 20.81
N ILE C 107 1.05 -34.35 19.63
CA ILE C 107 0.27 -34.64 18.46
C ILE C 107 0.60 -36.06 18.00
N ARG C 108 -0.43 -36.88 17.78
CA ARG C 108 -0.25 -38.30 17.43
C ARG C 108 -0.81 -38.64 16.04
N SER C 109 -1.54 -37.70 15.45
CA SER C 109 -2.03 -37.74 14.09
C SER C 109 -2.38 -36.33 13.62
N ILE C 110 -2.32 -36.15 12.31
CA ILE C 110 -2.73 -34.89 11.71
C ILE C 110 -3.79 -35.19 10.66
N PRO C 111 -4.75 -34.28 10.49
CA PRO C 111 -4.78 -33.05 11.27
C PRO C 111 -5.44 -33.33 12.60
N THR C 112 -4.92 -32.72 13.68
CA THR C 112 -5.60 -32.71 14.99
C THR C 112 -6.10 -31.27 15.27
N ILE C 113 -7.39 -31.16 15.53
CA ILE C 113 -8.04 -29.87 15.76
C ILE C 113 -8.46 -29.79 17.22
N MSE C 114 -7.79 -28.94 17.99
CA MSE C 114 -8.10 -28.75 19.40
C MSE C 114 -8.84 -27.46 19.68
O MSE C 114 -8.52 -26.41 19.09
CB MSE C 114 -6.84 -28.75 20.25
CG MSE C 114 -5.90 -29.89 19.96
SE MSE C 114 -4.48 -29.91 21.27
CE MSE C 114 -3.69 -31.64 20.82
N LEU C 115 -9.82 -27.56 20.56
CA LEU C 115 -10.56 -26.41 21.07
C LEU C 115 -10.10 -26.09 22.48
N TYR C 116 -9.67 -24.84 22.70
CA TYR C 116 -9.14 -24.38 23.99
C TYR C 116 -9.96 -23.25 24.60
N ARG C 117 -10.03 -23.25 25.93
CA ARG C 117 -10.66 -22.14 26.67
C ARG C 117 -9.81 -21.87 27.87
N ASN C 118 -9.30 -20.65 27.93
CA ASN C 118 -8.50 -20.23 29.08
C ASN C 118 -7.42 -21.22 29.44
N GLY C 119 -6.62 -21.56 28.42
CA GLY C 119 -5.42 -22.34 28.64
C GLY C 119 -5.64 -23.84 28.68
N LYS C 120 -6.90 -24.28 28.73
CA LYS C 120 -7.23 -25.69 28.91
C LYS C 120 -8.00 -26.32 27.73
N MSE C 121 -7.53 -27.47 27.28
CA MSE C 121 -8.21 -28.14 26.18
C MSE C 121 -9.59 -28.60 26.55
O MSE C 121 -9.78 -29.23 27.58
CB MSE C 121 -7.44 -29.35 25.74
CG MSE C 121 -7.45 -29.49 24.25
SE MSE C 121 -7.55 -31.35 23.88
CE MSE C 121 -9.15 -31.61 24.94
N ILE C 122 -10.56 -28.30 25.69
CA ILE C 122 -11.95 -28.73 25.88
C ILE C 122 -12.27 -30.06 25.17
N ASP C 123 -11.91 -30.17 23.91
CA ASP C 123 -12.12 -31.40 23.12
C ASP C 123 -11.23 -31.35 21.87
N MSE C 124 -11.08 -32.48 21.18
CA MSE C 124 -10.29 -32.47 19.95
C MSE C 124 -10.85 -33.43 18.92
O MSE C 124 -11.34 -34.51 19.24
CB MSE C 124 -8.83 -32.78 20.26
CG MSE C 124 -8.54 -34.27 20.42
SE MSE C 124 -6.65 -34.58 20.80
CE MSE C 124 -6.54 -33.98 22.63
N LEU C 125 -10.76 -33.02 17.66
CA LEU C 125 -11.00 -33.93 16.57
C LEU C 125 -9.70 -34.52 16.12
N ASN C 126 -9.65 -35.84 15.99
CA ASN C 126 -8.50 -36.53 15.45
C ASN C 126 -8.70 -36.96 13.99
N GLY C 127 -8.89 -35.98 13.12
CA GLY C 127 -9.06 -36.19 11.68
C GLY C 127 -9.91 -35.12 11.01
N ALA C 128 -9.66 -34.91 9.73
CA ALA C 128 -10.52 -34.08 8.90
C ALA C 128 -12.00 -34.47 8.93
N VAL C 129 -12.82 -33.49 8.64
CA VAL C 129 -14.25 -33.61 8.84
C VAL C 129 -14.82 -32.53 7.93
N PRO C 130 -15.95 -32.81 7.28
CA PRO C 130 -16.45 -31.77 6.35
C PRO C 130 -17.21 -30.61 7.07
N LYS C 131 -17.67 -29.61 6.31
CA LYS C 131 -18.14 -28.35 6.89
C LYS C 131 -19.20 -28.49 7.99
N ALA C 132 -20.33 -29.12 7.69
CA ALA C 132 -21.43 -29.16 8.68
C ALA C 132 -21.08 -29.91 9.97
N PRO C 133 -20.47 -31.11 9.84
CA PRO C 133 -20.06 -31.82 11.05
C PRO C 133 -19.12 -30.93 11.84
N PHE C 134 -18.21 -30.26 11.15
CA PHE C 134 -17.31 -29.33 11.84
C PHE C 134 -18.07 -28.23 12.64
N ASP C 135 -19.08 -27.61 12.03
CA ASP C 135 -19.83 -26.57 12.75
C ASP C 135 -20.54 -27.20 13.93
N ASN C 136 -20.98 -28.45 13.79
CA ASN C 136 -21.79 -29.07 14.86
C ASN C 136 -20.93 -29.41 16.06
N TRP C 137 -19.70 -29.85 15.78
CA TRP C 137 -18.75 -30.07 16.85
C TRP C 137 -18.45 -28.76 17.60
N LEU C 138 -18.19 -27.69 16.84
CA LEU C 138 -17.92 -26.38 17.45
C LEU C 138 -19.05 -25.95 18.33
N ASP C 139 -20.23 -25.86 17.74
CA ASP C 139 -21.38 -25.31 18.45
C ASP C 139 -21.59 -26.07 19.72
N GLU C 140 -21.48 -27.39 19.61
CA GLU C 140 -21.81 -28.26 20.72
C GLU C 140 -20.79 -28.14 21.82
N GLN C 141 -19.52 -28.07 21.47
CA GLN C 141 -18.48 -28.06 22.48
C GLN C 141 -18.37 -26.73 23.23
N LEU C 142 -18.75 -25.64 22.58
CA LEU C 142 -18.63 -24.33 23.22
C LEU C 142 -19.72 -24.10 24.29
N SER C 143 -20.65 -25.05 24.41
CA SER C 143 -21.88 -24.87 25.21
C SER C 143 -21.76 -25.34 26.66
N ARG C 144 -20.67 -26.03 26.96
CA ARG C 144 -20.48 -26.69 28.24
C ARG C 144 -19.91 -25.77 29.33
N ALA D 3 4.73 44.82 -1.55
CA ALA D 3 3.62 44.15 -0.83
C ALA D 3 3.53 42.65 -1.12
N MSE D 4 2.54 42.00 -0.50
CA MSE D 4 2.57 40.54 -0.36
C MSE D 4 1.39 39.98 0.48
O MSE D 4 1.00 40.57 1.49
CB MSE D 4 3.90 40.19 0.30
CG MSE D 4 4.00 38.80 0.85
SE MSE D 4 3.17 38.54 2.64
CE MSE D 4 4.11 36.84 3.03
N ASN D 5 0.85 38.82 0.09
CA ASN D 5 -0.32 38.27 0.79
C ASN D 5 -0.04 36.99 1.55
N THR D 6 -0.60 36.91 2.75
CA THR D 6 -0.38 35.74 3.60
C THR D 6 -1.66 35.39 4.34
N VAL D 7 -1.79 34.13 4.70
CA VAL D 7 -3.05 33.59 5.19
C VAL D 7 -3.08 33.40 6.70
N CYS D 8 -4.15 33.90 7.33
CA CYS D 8 -4.32 33.72 8.77
C CYS D 8 -4.68 32.29 9.08
N THR D 9 -3.84 31.67 9.88
CA THR D 9 -3.83 30.24 10.13
C THR D 9 -4.99 29.82 11.02
N ALA D 10 -5.71 30.79 11.54
CA ALA D 10 -6.80 30.50 12.43
C ALA D 10 -8.15 30.70 11.74
N CYS D 11 -8.33 31.81 11.01
CA CYS D 11 -9.62 32.08 10.36
C CYS D 11 -9.63 32.06 8.82
N MSE D 12 -8.45 31.88 8.21
CA MSE D 12 -8.29 31.75 6.75
C MSE D 12 -8.32 33.09 6.00
O MSE D 12 -8.22 33.14 4.76
CB MSE D 12 -9.31 30.77 6.13
CG MSE D 12 -9.17 29.33 6.61
SE MSE D 12 -7.39 28.64 6.22
CE MSE D 12 -6.84 28.31 8.04
N ALA D 13 -8.45 34.18 6.75
CA ALA D 13 -8.44 35.52 6.16
C ALA D 13 -7.07 35.87 5.54
N THR D 14 -7.10 36.43 4.35
CA THR D 14 -5.90 36.93 3.69
C THR D 14 -5.49 38.25 4.33
N ASN D 15 -4.20 38.42 4.56
CA ASN D 15 -3.67 39.62 5.18
C ASN D 15 -2.51 40.18 4.32
N ARG D 16 -2.67 41.40 3.78
CA ARG D 16 -1.61 41.99 2.96
C ARG D 16 -0.63 42.80 3.83
N LEU D 17 0.65 42.48 3.68
CA LEU D 17 1.72 42.97 4.55
C LEU D 17 2.82 43.48 3.68
N PRO D 18 3.67 44.42 4.19
CA PRO D 18 4.80 44.88 3.38
C PRO D 18 5.75 43.70 3.13
N GLU D 19 6.45 43.66 2.00
CA GLU D 19 7.25 42.48 1.72
C GLU D 19 8.47 42.34 2.65
N GLU D 20 9.03 43.46 3.04
CA GLU D 20 9.96 43.50 4.17
C GLU D 20 9.26 44.20 5.32
N ARG D 21 9.19 43.53 6.46
CA ARG D 21 8.41 44.01 7.59
C ARG D 21 9.31 44.38 8.77
N ILE D 22 8.81 45.24 9.66
CA ILE D 22 9.58 45.66 10.83
C ILE D 22 9.83 44.51 11.81
N ASP D 23 8.77 43.84 12.20
CA ASP D 23 8.84 42.78 13.18
C ASP D 23 8.06 41.59 12.65
N ASP D 24 7.91 40.52 13.43
CA ASP D 24 7.02 39.41 13.03
C ASP D 24 5.69 39.40 13.81
N GLY D 25 5.25 40.57 14.30
CA GLY D 25 4.12 40.62 15.23
C GLY D 25 2.74 40.87 14.63
N ALA D 26 2.66 40.94 13.31
CA ALA D 26 1.39 41.27 12.66
C ALA D 26 0.27 40.34 13.16
N LYS D 27 -0.91 40.93 13.42
CA LYS D 27 -2.06 40.15 13.86
C LYS D 27 -3.09 40.17 12.75
N CYS D 28 -3.71 39.02 12.49
CA CYS D 28 -4.78 38.98 11.52
C CYS D 28 -5.66 40.23 11.66
N GLY D 29 -6.02 40.85 10.56
CA GLY D 29 -6.89 42.02 10.61
C GLY D 29 -8.35 41.66 10.87
N ARG D 30 -8.72 40.38 10.66
CA ARG D 30 -10.09 39.97 10.95
C ARG D 30 -10.26 39.45 12.37
N CYS D 31 -9.28 38.68 12.85
CA CYS D 31 -9.53 38.00 14.11
C CYS D 31 -8.50 38.23 15.22
N GLY D 32 -7.46 39.01 14.94
CA GLY D 32 -6.41 39.31 15.91
C GLY D 32 -5.38 38.19 16.10
N HIS D 33 -5.43 37.16 15.29
CA HIS D 33 -4.51 36.05 15.54
C HIS D 33 -3.06 36.37 15.12
N SER D 34 -2.08 36.02 15.94
CA SER D 34 -0.69 36.25 15.54
C SER D 34 -0.44 35.55 14.21
N LEU D 35 -0.09 36.31 13.20
CA LEU D 35 0.10 35.75 11.85
C LEU D 35 1.34 34.86 11.75
N PHE D 36 2.26 34.95 12.69
CA PHE D 36 3.49 34.13 12.68
C PHE D 36 3.70 33.37 13.99
N ASP D 37 2.78 32.50 14.36
CA ASP D 37 2.87 31.89 15.68
C ASP D 37 3.83 30.67 15.70
N GLY D 38 4.27 30.24 14.54
CA GLY D 38 5.29 29.22 14.49
C GLY D 38 4.80 27.82 14.85
N GLU D 39 3.47 27.66 14.91
CA GLU D 39 2.79 26.39 15.19
C GLU D 39 2.58 25.56 13.94
N VAL D 40 2.57 24.23 14.07
CA VAL D 40 2.27 23.37 12.92
C VAL D 40 0.77 23.48 12.67
N ILE D 41 0.36 23.46 11.40
CA ILE D 41 -1.02 23.62 11.06
C ILE D 41 -1.61 22.29 10.54
N ASN D 42 -2.65 21.77 11.17
CA ASN D 42 -3.31 20.57 10.62
C ASN D 42 -4.38 20.97 9.60
N ALA D 43 -4.14 20.64 8.33
CA ALA D 43 -4.99 21.08 7.24
C ALA D 43 -6.01 20.00 7.00
N THR D 44 -7.18 20.42 6.54
CA THR D 44 -8.26 19.53 6.20
C THR D 44 -8.64 19.83 4.79
N ALA D 45 -9.57 19.05 4.25
CA ALA D 45 -10.05 19.30 2.92
C ALA D 45 -10.61 20.74 2.79
N GLU D 46 -11.17 21.28 3.88
CA GLU D 46 -11.72 22.63 3.81
C GLU D 46 -10.64 23.70 3.79
N THR D 47 -9.46 23.41 4.33
CA THR D 47 -8.55 24.53 4.49
C THR D 47 -7.37 24.47 3.59
N LEU D 48 -6.97 23.28 3.16
CA LEU D 48 -5.67 23.19 2.52
C LEU D 48 -5.53 24.18 1.37
N ASP D 49 -6.56 24.27 0.53
CA ASP D 49 -6.48 25.10 -0.67
C ASP D 49 -6.34 26.56 -0.30
N LYS D 50 -7.15 27.00 0.68
CA LYS D 50 -6.97 28.32 1.26
C LYS D 50 -5.52 28.52 1.76
N LEU D 51 -4.99 27.57 2.52
CA LEU D 51 -3.62 27.71 3.03
C LEU D 51 -2.60 27.83 1.91
N LEU D 52 -2.85 27.18 0.78
CA LEU D 52 -1.83 27.11 -0.28
C LEU D 52 -1.80 28.39 -1.14
N GLN D 53 -2.76 29.28 -0.93
CA GLN D 53 -2.74 30.60 -1.58
C GLN D 53 -1.69 31.54 -0.98
N ASP D 54 -1.31 31.27 0.26
CA ASP D 54 -0.33 32.08 0.99
C ASP D 54 0.87 32.44 0.11
N ASP D 55 1.52 33.56 0.39
CA ASP D 55 2.72 33.91 -0.36
C ASP D 55 3.98 33.34 0.24
N LEU D 56 3.92 32.91 1.50
CA LEU D 56 5.05 32.20 2.09
C LEU D 56 5.21 30.80 1.51
N PRO D 57 6.44 30.30 1.51
CA PRO D 57 6.64 28.89 1.25
C PRO D 57 5.94 28.10 2.35
N MSE D 58 5.67 26.86 2.01
CA MSE D 58 4.85 26.00 2.82
C MSE D 58 5.46 24.58 2.71
O MSE D 58 5.73 24.11 1.60
CB MSE D 58 3.47 26.03 2.20
CG MSE D 58 2.43 25.14 2.82
SE MSE D 58 0.81 26.21 2.68
CE MSE D 58 1.83 27.95 3.03
N VAL D 59 5.70 23.95 3.86
CA VAL D 59 6.12 22.57 3.91
C VAL D 59 4.92 21.80 4.43
N ILE D 60 4.58 20.70 3.75
CA ILE D 60 3.46 19.83 4.10
C ILE D 60 3.94 18.42 4.46
N ASP D 61 3.57 17.98 5.65
CA ASP D 61 3.91 16.66 6.11
C ASP D 61 2.65 15.79 5.92
N PHE D 62 2.64 14.92 4.90
CA PHE D 62 1.59 13.96 4.70
C PHE D 62 1.92 12.72 5.53
N TRP D 63 1.10 12.46 6.53
CA TRP D 63 1.42 11.45 7.52
C TRP D 63 0.26 10.51 7.80
N ALA D 64 0.46 9.55 8.70
CA ALA D 64 -0.65 8.64 9.09
C ALA D 64 -0.53 8.16 10.54
N PRO D 65 -1.64 7.69 11.17
CA PRO D 65 -1.53 7.10 12.52
C PRO D 65 -0.80 5.76 12.51
N TRP D 66 -0.28 5.33 13.64
CA TRP D 66 0.45 4.05 13.70
C TRP D 66 1.48 3.90 12.59
N CYS D 67 2.49 4.76 12.62
CA CYS D 67 3.49 4.85 11.59
C CYS D 67 4.70 5.31 12.31
N GLY D 68 5.56 4.36 12.72
CA GLY D 68 6.86 4.63 13.31
C GLY D 68 7.51 5.92 12.84
N PRO D 69 7.89 5.98 11.56
CA PRO D 69 8.69 7.13 11.11
C PRO D 69 7.91 8.42 11.21
N CYS D 70 6.58 8.34 11.15
CA CYS D 70 5.79 9.56 11.25
C CYS D 70 5.93 10.12 12.65
N ARG D 71 5.90 9.20 13.64
CA ARG D 71 5.98 9.55 15.05
C ARG D 71 7.29 10.23 15.38
N SER D 72 8.39 9.65 14.91
CA SER D 72 9.69 10.24 15.21
C SER D 72 9.91 11.54 14.43
N PHE D 73 9.32 11.67 13.26
CA PHE D 73 9.56 12.92 12.55
C PHE D 73 8.76 14.11 13.09
N ALA D 74 7.61 13.83 13.66
CA ALA D 74 6.67 14.89 14.08
C ALA D 74 7.27 15.97 14.96
N PRO D 75 8.07 15.58 15.97
CA PRO D 75 8.71 16.58 16.84
C PRO D 75 9.78 17.36 16.09
N ILE D 76 10.48 16.69 15.18
CA ILE D 76 11.42 17.41 14.33
C ILE D 76 10.71 18.51 13.51
N PHE D 77 9.59 18.16 12.92
CA PHE D 77 8.76 19.07 12.12
C PHE D 77 8.24 20.24 12.97
N ALA D 78 7.65 19.93 14.12
CA ALA D 78 7.17 20.96 15.04
C ALA D 78 8.28 21.93 15.47
N GLU D 79 9.44 21.39 15.85
CA GLU D 79 10.54 22.24 16.31
C GLU D 79 11.05 23.20 15.21
N THR D 80 11.27 22.68 14.01
CA THR D 80 11.63 23.49 12.86
C THR D 80 10.55 24.53 12.54
N ALA D 81 9.28 24.17 12.67
CA ALA D 81 8.23 25.16 12.48
C ALA D 81 8.39 26.38 13.42
N ALA D 82 8.71 26.14 14.68
CA ALA D 82 8.91 27.22 15.64
C ALA D 82 10.12 28.10 15.27
N GLU D 83 11.18 27.48 14.80
CA GLU D 83 12.38 28.22 14.47
C GLU D 83 12.20 29.09 13.22
N ARG D 84 11.23 28.74 12.39
CA ARG D 84 11.05 29.45 11.13
C ARG D 84 9.74 30.21 11.11
N ALA D 85 9.13 30.39 12.29
CA ALA D 85 7.80 31.01 12.41
C ALA D 85 7.53 32.12 11.38
N GLY D 86 8.55 32.92 11.04
CA GLY D 86 8.33 34.10 10.21
C GLY D 86 8.63 33.92 8.74
N LYS D 87 9.04 32.72 8.34
CA LYS D 87 9.50 32.50 6.96
C LYS D 87 8.80 31.34 6.23
N VAL D 88 8.42 30.30 6.96
CA VAL D 88 7.79 29.15 6.32
C VAL D 88 6.69 28.61 7.19
N ARG D 89 5.58 28.21 6.56
CA ARG D 89 4.49 27.59 7.29
C ARG D 89 4.61 26.06 7.22
N PHE D 90 4.39 25.41 8.36
CA PHE D 90 4.45 23.97 8.49
C PHE D 90 3.08 23.36 8.61
N VAL D 91 2.72 22.55 7.62
CA VAL D 91 1.37 22.03 7.50
C VAL D 91 1.39 20.48 7.54
N LYS D 92 0.40 19.89 8.20
CA LYS D 92 0.32 18.45 8.26
C LYS D 92 -1.02 18.01 7.68
N VAL D 93 -0.98 16.90 6.96
CA VAL D 93 -2.20 16.32 6.43
C VAL D 93 -2.23 14.84 6.83
N ASN D 94 -3.19 14.50 7.68
CA ASN D 94 -3.41 13.11 8.03
C ASN D 94 -4.05 12.38 6.86
N THR D 95 -3.30 11.47 6.23
CA THR D 95 -3.77 10.80 5.01
C THR D 95 -4.98 9.86 5.20
N GLU D 96 -5.18 9.38 6.42
CA GLU D 96 -6.33 8.53 6.74
C GLU D 96 -7.57 9.41 7.07
N ALA D 97 -7.36 10.60 7.67
CA ALA D 97 -8.46 11.59 7.78
C ALA D 97 -8.83 12.14 6.42
N GLU D 98 -7.84 12.26 5.53
CA GLU D 98 -8.08 13.02 4.30
C GLU D 98 -7.69 12.26 3.04
N PRO D 99 -8.38 11.13 2.76
CA PRO D 99 -7.84 10.28 1.71
C PRO D 99 -8.00 10.89 0.32
N ALA D 100 -8.91 11.86 0.13
CA ALA D 100 -8.97 12.47 -1.18
C ALA D 100 -7.78 13.38 -1.37
N LEU D 101 -7.28 14.01 -0.30
CA LEU D 101 -6.05 14.81 -0.41
C LEU D 101 -4.85 13.90 -0.69
N SER D 102 -4.78 12.80 0.04
CA SER D 102 -3.71 11.86 -0.20
C SER D 102 -3.76 11.46 -1.67
N THR D 103 -4.96 11.18 -2.18
CA THR D 103 -5.09 10.71 -3.56
C THR D 103 -4.72 11.83 -4.52
N ARG D 104 -5.28 13.00 -4.29
CA ARG D 104 -4.99 14.15 -5.14
C ARG D 104 -3.50 14.47 -5.18
N PHE D 105 -2.84 14.47 -4.03
CA PHE D 105 -1.40 14.68 -4.04
C PHE D 105 -0.57 13.46 -4.46
N ARG D 106 -1.20 12.34 -4.76
CA ARG D 106 -0.48 11.15 -5.22
C ARG D 106 0.63 10.78 -4.23
N ILE D 107 0.26 10.74 -2.96
CA ILE D 107 1.17 10.28 -1.93
C ILE D 107 1.45 8.78 -2.10
N ARG D 108 2.73 8.41 -2.10
CA ARG D 108 3.19 7.01 -2.28
C ARG D 108 3.94 6.43 -1.07
N SER D 109 4.42 7.31 -0.19
CA SER D 109 5.10 6.93 1.06
C SER D 109 4.58 7.79 2.19
N ILE D 110 4.56 7.19 3.38
CA ILE D 110 4.19 7.84 4.63
C ILE D 110 5.41 7.88 5.57
N PRO D 111 5.88 9.08 5.96
CA PRO D 111 5.39 10.40 5.55
C PRO D 111 6.07 10.86 4.28
N THR D 112 5.38 11.71 3.53
CA THR D 112 5.95 12.42 2.39
C THR D 112 5.98 13.91 2.76
N ILE D 113 7.11 14.57 2.58
CA ILE D 113 7.23 15.95 3.00
C ILE D 113 7.41 16.83 1.78
N MSE D 114 6.49 17.73 1.50
CA MSE D 114 6.56 18.57 0.29
C MSE D 114 6.72 20.05 0.56
O MSE D 114 6.05 20.61 1.45
CB MSE D 114 5.28 18.48 -0.53
CG MSE D 114 5.09 17.24 -1.27
SE MSE D 114 3.37 17.29 -2.21
CE MSE D 114 3.12 15.47 -2.10
N LEU D 115 7.57 20.69 -0.23
CA LEU D 115 7.76 22.12 -0.18
C LEU D 115 7.03 22.75 -1.36
N TYR D 116 6.12 23.68 -1.05
CA TYR D 116 5.35 24.42 -2.04
C TYR D 116 5.71 25.91 -1.96
N ARG D 117 5.83 26.57 -3.11
CA ARG D 117 5.83 28.03 -3.15
C ARG D 117 4.93 28.53 -4.26
N ASN D 118 4.28 29.68 -4.05
N ASN D 118 4.26 29.64 -3.97
CA ASN D 118 3.36 30.27 -5.01
CA ASN D 118 3.30 30.29 -4.87
C ASN D 118 2.46 29.27 -5.71
C ASN D 118 2.47 29.30 -5.67
N GLY D 119 2.10 28.20 -5.00
CA GLY D 119 1.13 27.26 -5.51
C GLY D 119 1.61 25.94 -6.10
N LYS D 120 2.89 25.82 -6.42
CA LYS D 120 3.40 24.62 -7.08
C LYS D 120 4.51 23.94 -6.28
N MSE D 121 4.74 22.65 -6.53
CA MSE D 121 5.71 21.90 -5.74
C MSE D 121 7.14 22.16 -6.14
O MSE D 121 7.48 22.07 -7.29
CB MSE D 121 5.48 20.41 -5.80
CG MSE D 121 6.37 19.67 -4.82
SE MSE D 121 6.20 17.78 -5.09
CE MSE D 121 7.17 17.83 -6.79
N ILE D 122 7.99 22.45 -5.16
CA ILE D 122 9.38 22.75 -5.44
C ILE D 122 10.20 21.47 -5.41
N ASP D 123 10.01 20.69 -4.36
CA ASP D 123 10.70 19.43 -4.22
C ASP D 123 9.94 18.74 -3.11
N MSE D 124 10.49 17.63 -2.66
CA MSE D 124 9.74 16.66 -1.92
C MSE D 124 10.68 15.61 -1.33
O MSE D 124 11.59 15.15 -2.01
CB MSE D 124 8.82 16.02 -2.92
CG MSE D 124 7.77 15.19 -2.34
SE MSE D 124 7.52 13.68 -3.55
CE MSE D 124 8.40 12.30 -2.43
N LEU D 125 10.46 15.25 -0.06
CA LEU D 125 11.12 14.09 0.54
C LEU D 125 10.19 12.90 0.62
N ASN D 126 10.70 11.73 0.26
CA ASN D 126 9.84 10.57 0.27
C ASN D 126 9.94 9.81 1.59
N GLY D 127 10.49 10.47 2.61
CA GLY D 127 10.47 9.95 3.97
C GLY D 127 11.04 10.91 4.99
N ALA D 128 10.87 10.58 6.26
CA ALA D 128 11.51 11.35 7.32
C ALA D 128 13.04 11.37 7.17
N VAL D 129 13.64 12.40 7.75
CA VAL D 129 15.07 12.59 7.88
C VAL D 129 15.29 13.34 9.19
N PRO D 130 16.53 13.31 9.72
CA PRO D 130 16.74 13.90 11.04
C PRO D 130 16.85 15.40 10.90
N LYS D 131 16.99 16.12 12.03
CA LYS D 131 16.91 17.58 12.04
C LYS D 131 17.87 18.26 11.07
N ALA D 132 19.18 18.07 11.27
CA ALA D 132 20.15 18.77 10.42
C ALA D 132 19.90 18.54 8.92
N PRO D 133 19.82 17.28 8.48
CA PRO D 133 19.51 17.10 7.05
C PRO D 133 18.22 17.82 6.66
N PHE D 134 17.25 17.86 7.56
CA PHE D 134 15.96 18.50 7.28
C PHE D 134 16.18 20.01 7.02
N ASP D 135 16.94 20.66 7.89
CA ASP D 135 17.27 22.07 7.77
C ASP D 135 18.02 22.29 6.46
N ASN D 136 18.94 21.40 6.14
CA ASN D 136 19.77 21.59 4.96
C ASN D 136 18.94 21.47 3.70
N TRP D 137 18.01 20.53 3.69
CA TRP D 137 17.06 20.40 2.59
C TRP D 137 16.19 21.66 2.44
N LEU D 138 15.55 22.07 3.52
CA LEU D 138 14.84 23.35 3.46
C LEU D 138 15.73 24.46 2.92
N ASP D 139 16.89 24.67 3.55
CA ASP D 139 17.76 25.77 3.13
C ASP D 139 18.12 25.73 1.63
N GLU D 140 18.55 24.57 1.16
CA GLU D 140 19.03 24.42 -0.22
C GLU D 140 17.88 24.67 -1.17
N GLN D 141 16.74 24.12 -0.80
CA GLN D 141 15.57 24.07 -1.66
C GLN D 141 14.86 25.41 -1.75
N LEU D 142 14.94 26.22 -0.69
CA LEU D 142 14.28 27.51 -0.71
C LEU D 142 15.05 28.53 -1.55
N SER D 143 16.37 28.47 -1.48
CA SER D 143 17.26 29.36 -2.25
C SER D 143 17.08 29.33 -3.79
N ARG D 144 16.46 28.29 -4.35
CA ARG D 144 16.23 28.22 -5.80
C ARG D 144 15.34 29.35 -6.30
ZN ZN E . -3.51 23.92 -24.78
C FMT F . -13.44 29.61 -21.04
O1 FMT F . -13.21 30.36 -22.01
O2 FMT F . -12.60 28.99 -20.38
ZN ZN G . 11.57 -26.99 5.78
ZN ZN H . -1.29 -5.10 17.95
ZN ZN I . -7.78 35.47 11.37
#